data_8T5Y
#
_entry.id   8T5Y
#
_cell.length_a   45.409
_cell.length_b   60.510
_cell.length_c   84.520
_cell.angle_alpha   90.00
_cell.angle_beta   90.00
_cell.angle_gamma   90.00
#
_symmetry.space_group_name_H-M   'P 21 21 2'
#
loop_
_entity.id
_entity.type
_entity.pdbx_description
1 polymer DarR
2 non-polymer "ADENOSINE-3',5'-CYCLIC-MONOPHOSPHATE"
3 water water
#
_entity_poly.entity_id   1
_entity_poly.type   'polypeptide(L)'
_entity_poly.pdbx_seq_one_letter_code
;GSHMSASAEPESDVKGRILDAAADAFMLRGFANTTIDDIADDVGATAGLIYYHFRSKFDIFLAVYEDGMRRVRERVEPYV
GAPGTGRQRLVAMSVAHVENLMIDLGYHHVVHQGVRDQASTALKVRQRDALAALNELRRDYERMFHHVITEGIADGSLRN
VDDALATRTLLSNLNAVDVWYRKIEGQTEKEVHDLASQVVDLLIGGIGATAD
;
_entity_poly.pdbx_strand_id   A
#
loop_
_chem_comp.id
_chem_comp.type
_chem_comp.name
_chem_comp.formula
CMP non-polymer ADENOSINE-3',5'-CYCLIC-MONOPHOSPHATE 'C10 H12 N5 O6 P'
#
# COMPACT_ATOMS: atom_id res chain seq x y z
N GLU A 9 15.83 2.38 24.09
CA GLU A 9 15.09 2.63 22.86
C GLU A 9 13.62 2.90 23.16
N PRO A 10 13.08 3.96 22.56
CA PRO A 10 11.65 4.25 22.74
C PRO A 10 10.79 3.09 22.29
N GLU A 11 9.69 2.86 23.02
CA GLU A 11 8.81 1.73 22.73
C GLU A 11 8.19 1.86 21.34
N SER A 12 7.88 3.10 20.92
CA SER A 12 7.35 3.30 19.57
C SER A 12 8.38 2.94 18.51
N ASP A 13 9.66 3.16 18.80
CA ASP A 13 10.71 2.77 17.86
C ASP A 13 10.84 1.25 17.78
N VAL A 14 10.76 0.56 18.92
CA VAL A 14 10.79 -0.90 18.90
C VAL A 14 9.60 -1.45 18.10
N LYS A 15 8.41 -0.89 18.34
CA LYS A 15 7.24 -1.34 17.59
C LYS A 15 7.45 -1.14 16.10
N GLY A 16 8.04 0.00 15.71
CA GLY A 16 8.28 0.24 14.30
C GLY A 16 9.23 -0.79 13.69
N ARG A 17 10.25 -1.19 14.43
CA ARG A 17 11.16 -2.21 13.93
C ARG A 17 10.47 -3.56 13.80
N ILE A 18 9.59 -3.89 14.76
CA ILE A 18 8.79 -5.10 14.65
C ILE A 18 7.91 -5.07 13.41
N LEU A 19 7.23 -3.95 13.17
CA LEU A 19 6.36 -3.87 12.01
C LEU A 19 7.15 -3.96 10.71
N ASP A 20 8.32 -3.34 10.68
CA ASP A 20 9.16 -3.41 9.49
C ASP A 20 9.56 -4.85 9.22
N ALA A 21 10.02 -5.55 10.27
CA ALA A 21 10.44 -6.93 10.12
C ALA A 21 9.27 -7.81 9.73
N ALA A 22 8.11 -7.61 10.37
CA ALA A 22 6.97 -8.46 10.07
C ALA A 22 6.48 -8.24 8.64
N ALA A 23 6.43 -6.98 8.19
CA ALA A 23 5.98 -6.70 6.84
C ALA A 23 6.85 -7.44 5.82
N ASP A 24 8.17 -7.41 6.04
CA ASP A 24 9.07 -8.08 5.10
C ASP A 24 8.94 -9.59 5.20
N ALA A 25 8.76 -10.13 6.41
CA ALA A 25 8.59 -11.58 6.59
C ALA A 25 7.30 -12.07 5.95
N PHE A 26 6.18 -11.36 6.18
CA PHE A 26 4.92 -11.76 5.57
C PHE A 26 5.04 -11.74 4.05
N MET A 27 5.73 -10.73 3.51
CA MET A 27 5.97 -10.67 2.06
C MET A 27 6.74 -11.90 1.58
N LEU A 28 7.81 -12.25 2.30
CA LEU A 28 8.75 -13.25 1.80
C LEU A 28 8.16 -14.66 1.87
N ARG A 29 7.55 -15.00 3.00
CA ARG A 29 7.10 -16.36 3.24
C ARG A 29 5.58 -16.50 3.25
N GLY A 30 4.86 -15.40 3.32
CA GLY A 30 3.42 -15.45 3.53
C GLY A 30 3.06 -15.41 5.01
N PHE A 31 1.84 -14.98 5.28
CA PHE A 31 1.38 -14.87 6.66
C PHE A 31 1.40 -16.22 7.36
N ALA A 32 0.85 -17.25 6.72
CA ALA A 32 0.65 -18.53 7.40
C ALA A 32 1.97 -19.14 7.84
N ASN A 33 2.99 -19.05 7.00
CA ASN A 33 4.26 -19.69 7.30
C ASN A 33 5.19 -18.83 8.16
N THR A 34 4.94 -17.53 8.25
CA THR A 34 5.73 -16.70 9.15
C THR A 34 5.40 -17.02 10.60
N THR A 35 6.42 -17.05 11.45
CA THR A 35 6.22 -17.29 12.86
C THR A 35 6.66 -16.07 13.67
N ILE A 36 6.19 -16.02 14.91
CA ILE A 36 6.66 -14.99 15.83
C ILE A 36 8.18 -15.07 15.99
N ASP A 37 8.72 -16.30 16.02
CA ASP A 37 10.17 -16.48 16.10
C ASP A 37 10.89 -15.85 14.92
N ASP A 38 10.33 -15.95 13.70
CA ASP A 38 10.92 -15.30 12.55
C ASP A 38 11.05 -13.80 12.80
N ILE A 39 9.98 -13.19 13.31
CA ILE A 39 9.97 -11.76 13.53
C ILE A 39 10.92 -11.38 14.64
N ALA A 40 10.91 -12.14 15.74
CA ALA A 40 11.85 -11.92 16.83
C ALA A 40 13.29 -11.99 16.33
N ASP A 41 13.61 -13.01 15.53
CA ASP A 41 14.98 -13.13 15.02
C ASP A 41 15.39 -11.89 14.26
N ASP A 42 14.48 -11.34 13.46
CA ASP A 42 14.81 -10.24 12.56
C ASP A 42 14.97 -8.92 13.30
N VAL A 43 14.40 -8.79 14.50
CA VAL A 43 14.65 -7.60 15.33
C VAL A 43 15.68 -7.83 16.42
N GLY A 44 16.32 -9.00 16.47
CA GLY A 44 17.35 -9.24 17.46
C GLY A 44 16.84 -9.47 18.88
N ALA A 45 15.72 -10.16 19.02
CA ALA A 45 15.14 -10.34 20.33
C ALA A 45 14.50 -11.72 20.41
N THR A 46 13.74 -11.94 21.47
CA THR A 46 13.02 -13.18 21.71
C THR A 46 11.55 -12.97 21.42
N ALA A 47 10.83 -14.08 21.33
CA ALA A 47 9.39 -14.01 21.15
C ALA A 47 8.73 -13.18 22.24
N GLY A 48 9.28 -13.23 23.45
CA GLY A 48 8.70 -12.48 24.55
C GLY A 48 8.61 -10.99 24.29
N LEU A 49 9.63 -10.41 23.66
CA LEU A 49 9.55 -8.99 23.32
C LEU A 49 8.43 -8.75 22.32
N ILE A 50 8.28 -9.63 21.33
CA ILE A 50 7.21 -9.46 20.34
C ILE A 50 5.85 -9.50 21.03
N TYR A 51 5.62 -10.49 21.89
CA TYR A 51 4.33 -10.63 22.57
C TYR A 51 4.04 -9.47 23.52
N TYR A 52 5.08 -8.82 24.05
CA TYR A 52 4.85 -7.65 24.89
C TYR A 52 4.16 -6.54 24.09
N HIS A 53 4.53 -6.39 22.81
CA HIS A 53 4.01 -5.31 21.99
C HIS A 53 2.79 -5.72 21.17
N PHE A 54 2.68 -6.99 20.80
CA PHE A 54 1.57 -7.49 19.97
C PHE A 54 1.23 -8.89 20.43
N ARG A 55 -0.04 -9.14 20.74
CA ARG A 55 -0.41 -10.39 21.38
C ARG A 55 -0.38 -11.58 20.44
N SER A 56 -0.44 -11.36 19.13
CA SER A 56 -0.53 -12.46 18.19
C SER A 56 -0.01 -12.01 16.84
N LYS A 57 0.27 -13.00 16.00
CA LYS A 57 0.71 -12.71 14.65
C LYS A 57 -0.34 -11.91 13.89
N PHE A 58 -1.64 -12.21 14.09
CA PHE A 58 -2.65 -11.44 13.38
C PHE A 58 -2.72 -10.00 13.85
N ASP A 59 -2.45 -9.74 15.14
CA ASP A 59 -2.39 -8.37 15.61
C ASP A 59 -1.26 -7.61 14.93
N ILE A 60 -0.15 -8.28 14.66
CA ILE A 60 0.94 -7.65 13.93
C ILE A 60 0.51 -7.33 12.51
N PHE A 61 -0.15 -8.29 11.85
CA PHE A 61 -0.70 -8.04 10.52
C PHE A 61 -1.61 -6.82 10.51
N LEU A 62 -2.53 -6.73 11.47
CA LEU A 62 -3.42 -5.58 11.54
C LEU A 62 -2.65 -4.28 11.70
N ALA A 63 -1.61 -4.30 12.54
CA ALA A 63 -0.81 -3.09 12.76
C ALA A 63 -0.02 -2.69 11.52
N VAL A 64 0.48 -3.68 10.77
CA VAL A 64 1.15 -3.38 9.51
C VAL A 64 0.17 -2.76 8.54
N TYR A 65 -1.02 -3.34 8.42
CA TYR A 65 -2.05 -2.82 7.53
C TYR A 65 -2.40 -1.39 7.90
N GLU A 66 -2.61 -1.14 9.19
CA GLU A 66 -2.95 0.21 9.64
C GLU A 66 -1.85 1.20 9.29
N ASP A 67 -0.59 0.83 9.52
CA ASP A 67 0.50 1.76 9.26
C ASP A 67 0.70 1.96 7.78
N GLY A 68 0.53 0.90 6.98
CA GLY A 68 0.63 1.04 5.54
C GLY A 68 -0.43 1.97 4.97
N MET A 69 -1.66 1.88 5.49
CA MET A 69 -2.73 2.75 5.05
C MET A 69 -2.45 4.20 5.44
N ARG A 70 -1.95 4.43 6.66
CA ARG A 70 -1.64 5.79 7.08
C ARG A 70 -0.57 6.40 6.18
N ARG A 71 0.49 5.64 5.89
CA ARG A 71 1.59 6.17 5.11
C ARG A 71 1.14 6.51 3.70
N VAL A 72 0.41 5.61 3.05
CA VAL A 72 -0.01 5.90 1.67
C VAL A 72 -0.96 7.08 1.63
N ARG A 73 -1.89 7.17 2.59
CA ARG A 73 -2.82 8.28 2.61
C ARG A 73 -2.09 9.61 2.81
N GLU A 74 -1.11 9.63 3.71
CA GLU A 74 -0.37 10.87 3.94
C GLU A 74 0.39 11.32 2.71
N ARG A 75 0.83 10.38 1.87
CA ARG A 75 1.57 10.74 0.66
C ARG A 75 0.65 11.20 -0.46
N VAL A 76 -0.56 10.65 -0.53
CA VAL A 76 -1.43 10.82 -1.69
C VAL A 76 -2.53 11.85 -1.47
N GLU A 77 -3.13 11.85 -0.27
CA GLU A 77 -4.25 12.73 -0.01
C GLU A 77 -3.99 14.21 -0.29
N PRO A 78 -2.80 14.78 -0.04
CA PRO A 78 -2.62 16.22 -0.30
C PRO A 78 -2.92 16.63 -1.74
N TYR A 79 -2.89 15.71 -2.69
CA TYR A 79 -3.09 16.05 -4.08
C TYR A 79 -4.55 16.04 -4.50
N VAL A 80 -5.43 15.37 -3.74
CA VAL A 80 -6.78 15.10 -4.22
C VAL A 80 -7.58 16.39 -4.41
N GLY A 81 -7.48 17.31 -3.46
CA GLY A 81 -8.16 18.58 -3.52
C GLY A 81 -7.28 19.74 -3.91
N ALA A 82 -6.05 19.48 -4.35
CA ALA A 82 -5.12 20.54 -4.71
C ALA A 82 -5.54 21.20 -6.01
N PRO A 83 -5.03 22.39 -6.29
CA PRO A 83 -5.25 23.01 -7.59
C PRO A 83 -4.70 22.12 -8.71
N GLY A 84 -5.41 22.10 -9.82
CA GLY A 84 -4.97 21.38 -11.00
C GLY A 84 -6.12 20.65 -11.66
N THR A 85 -5.90 20.25 -12.90
CA THR A 85 -6.88 19.44 -13.61
C THR A 85 -6.94 18.04 -12.99
N GLY A 86 -7.98 17.30 -13.35
CA GLY A 86 -8.06 15.91 -12.92
C GLY A 86 -6.83 15.12 -13.31
N ARG A 87 -6.34 15.30 -14.54
CA ARG A 87 -5.14 14.56 -14.96
C ARG A 87 -3.92 14.97 -14.15
N GLN A 88 -3.74 16.27 -13.89
CA GLN A 88 -2.56 16.68 -13.13
C GLN A 88 -2.58 16.08 -11.74
N ARG A 89 -3.74 16.12 -11.08
CA ARG A 89 -3.85 15.53 -9.75
C ARG A 89 -3.68 14.02 -9.81
N LEU A 90 -4.29 13.35 -10.80
CA LEU A 90 -4.18 11.90 -10.93
C LEU A 90 -2.73 11.46 -11.11
N VAL A 91 -1.96 12.19 -11.91
CA VAL A 91 -0.56 11.84 -12.10
C VAL A 91 0.20 11.94 -10.78
N ALA A 92 0.02 13.05 -10.06
CA ALA A 92 0.70 13.23 -8.79
C ALA A 92 0.30 12.17 -7.77
N MET A 93 -0.99 11.86 -7.68
CA MET A 93 -1.49 10.83 -6.77
C MET A 93 -0.92 9.47 -7.14
N SER A 94 -0.87 9.17 -8.45
CA SER A 94 -0.44 7.85 -8.89
C SER A 94 1.06 7.66 -8.67
N VAL A 95 1.86 8.68 -8.98
CA VAL A 95 3.29 8.60 -8.69
C VAL A 95 3.52 8.39 -7.21
N ALA A 96 2.80 9.13 -6.36
CA ALA A 96 2.97 8.98 -4.91
C ALA A 96 2.57 7.59 -4.45
N HIS A 97 1.50 7.04 -5.04
CA HIS A 97 1.09 5.68 -4.68
C HIS A 97 2.16 4.68 -5.04
N VAL A 98 2.71 4.78 -6.26
CA VAL A 98 3.71 3.82 -6.69
C VAL A 98 5.01 4.00 -5.92
N GLU A 99 5.40 5.25 -5.65
CA GLU A 99 6.58 5.47 -4.81
C GLU A 99 6.40 4.84 -3.45
N ASN A 100 5.22 5.01 -2.85
CA ASN A 100 4.98 4.38 -1.56
C ASN A 100 5.10 2.86 -1.64
N LEU A 101 4.61 2.28 -2.73
CA LEU A 101 4.70 0.84 -2.95
C LEU A 101 6.17 0.40 -3.02
N MET A 102 6.99 1.17 -3.73
CA MET A 102 8.38 0.84 -3.99
C MET A 102 9.20 1.02 -2.73
N ILE A 103 8.88 2.02 -1.90
CA ILE A 103 9.65 2.29 -0.69
C ILE A 103 9.26 1.35 0.43
N ASP A 104 7.96 1.08 0.57
CA ASP A 104 7.43 0.31 1.69
C ASP A 104 6.74 -0.92 1.10
N LEU A 105 7.49 -1.73 0.35
CA LEU A 105 6.91 -2.84 -0.39
C LEU A 105 6.24 -3.87 0.51
N GLY A 106 6.86 -4.19 1.65
CA GLY A 106 6.27 -5.16 2.55
C GLY A 106 4.94 -4.69 3.13
N TYR A 107 4.85 -3.41 3.48
CA TYR A 107 3.58 -2.85 3.94
C TYR A 107 2.52 -2.94 2.85
N HIS A 108 2.93 -2.64 1.60
CA HIS A 108 1.99 -2.73 0.50
C HIS A 108 1.46 -4.15 0.34
N HIS A 109 2.35 -5.13 0.48
N HIS A 109 2.34 -5.14 0.49
CA HIS A 109 1.92 -6.52 0.36
CA HIS A 109 1.92 -6.53 0.35
C HIS A 109 0.83 -6.84 1.38
C HIS A 109 0.86 -6.88 1.39
N VAL A 110 1.02 -6.40 2.63
CA VAL A 110 0.04 -6.69 3.67
C VAL A 110 -1.29 -6.00 3.36
N VAL A 111 -1.25 -4.73 2.98
CA VAL A 111 -2.47 -3.97 2.70
C VAL A 111 -3.32 -4.66 1.64
N HIS A 112 -2.68 -5.34 0.70
CA HIS A 112 -3.38 -5.92 -0.45
C HIS A 112 -3.47 -7.44 -0.37
N GLN A 113 -3.01 -8.04 0.73
CA GLN A 113 -3.08 -9.48 0.92
C GLN A 113 -4.50 -9.83 1.37
N ARG A 116 -8.65 -14.66 3.80
CA ARG A 116 -9.71 -15.58 3.40
C ARG A 116 -10.74 -15.71 4.52
N ASP A 117 -12.02 -15.66 4.15
CA ASP A 117 -13.09 -15.82 5.13
C ASP A 117 -13.04 -17.20 5.78
N GLN A 118 -12.76 -18.23 4.97
CA GLN A 118 -12.60 -19.59 5.50
C GLN A 118 -11.18 -19.75 6.01
N ALA A 119 -11.03 -19.82 7.34
CA ALA A 119 -9.74 -20.01 7.98
C ALA A 119 -9.85 -21.15 9.00
N SER A 120 -8.70 -21.65 9.44
CA SER A 120 -8.69 -22.81 10.33
C SER A 120 -9.14 -22.46 11.74
N THR A 121 -8.86 -21.25 12.19
CA THR A 121 -9.20 -20.79 13.52
C THR A 121 -10.00 -19.50 13.42
N ALA A 122 -10.83 -19.26 14.43
CA ALA A 122 -11.60 -18.04 14.50
C ALA A 122 -10.71 -16.88 14.94
N LEU A 123 -10.93 -15.72 14.33
CA LEU A 123 -10.30 -14.51 14.81
C LEU A 123 -10.99 -14.07 16.08
N LYS A 124 -10.28 -13.28 16.89
CA LYS A 124 -10.93 -12.61 18.01
C LYS A 124 -11.92 -11.58 17.48
N VAL A 125 -12.96 -11.32 18.29
CA VAL A 125 -13.97 -10.33 17.92
C VAL A 125 -13.32 -8.98 17.61
N ARG A 126 -12.39 -8.56 18.46
CA ARG A 126 -11.73 -7.28 18.27
C ARG A 126 -10.99 -7.26 16.94
N GLN A 127 -10.37 -8.38 16.57
CA GLN A 127 -9.60 -8.43 15.33
C GLN A 127 -10.50 -8.32 14.11
N ARG A 128 -11.69 -8.96 14.16
CA ARG A 128 -12.59 -8.86 13.03
C ARG A 128 -13.09 -7.43 12.84
N ASP A 129 -13.40 -6.75 13.95
CA ASP A 129 -13.80 -5.36 13.87
C ASP A 129 -12.70 -4.49 13.29
N ALA A 130 -11.46 -4.71 13.75
CA ALA A 130 -10.35 -3.91 13.24
C ALA A 130 -10.12 -4.17 11.76
N LEU A 131 -10.22 -5.43 11.34
CA LEU A 131 -10.03 -5.75 9.92
C LEU A 131 -11.09 -5.07 9.07
N ALA A 132 -12.35 -5.12 9.49
CA ALA A 132 -13.42 -4.48 8.73
C ALA A 132 -13.18 -2.98 8.60
N ALA A 133 -12.74 -2.34 9.68
CA ALA A 133 -12.47 -0.91 9.63
C ALA A 133 -11.33 -0.58 8.67
N LEU A 134 -10.27 -1.40 8.69
CA LEU A 134 -9.16 -1.19 7.77
C LEU A 134 -9.58 -1.38 6.32
N ASN A 135 -10.40 -2.40 6.05
CA ASN A 135 -10.90 -2.59 4.69
C ASN A 135 -11.71 -1.39 4.24
N GLU A 136 -12.51 -0.79 5.14
CA GLU A 136 -13.26 0.41 4.75
C GLU A 136 -12.32 1.58 4.49
N LEU A 137 -11.26 1.72 5.31
CA LEU A 137 -10.27 2.76 5.06
C LEU A 137 -9.61 2.58 3.70
N ARG A 138 -9.36 1.32 3.31
CA ARG A 138 -8.76 1.09 2.00
C ARG A 138 -9.73 1.47 0.88
N ARG A 139 -11.02 1.17 1.06
CA ARG A 139 -12.03 1.62 0.09
C ARG A 139 -12.10 3.14 0.03
N ASP A 140 -12.01 3.81 1.18
CA ASP A 140 -12.03 5.27 1.19
C ASP A 140 -10.85 5.82 0.42
N TYR A 141 -9.67 5.21 0.60
CA TYR A 141 -8.48 5.66 -0.12
C TYR A 141 -8.67 5.49 -1.63
N GLU A 142 -9.13 4.32 -2.05
CA GLU A 142 -9.31 4.08 -3.48
C GLU A 142 -10.36 5.01 -4.07
N ARG A 143 -11.34 5.42 -3.28
CA ARG A 143 -12.36 6.33 -3.80
C ARG A 143 -11.78 7.70 -4.17
N MET A 144 -10.66 8.10 -3.56
CA MET A 144 -10.07 9.36 -3.98
C MET A 144 -9.66 9.33 -5.45
N PHE A 145 -9.19 8.18 -5.92
CA PHE A 145 -8.87 8.04 -7.34
C PHE A 145 -10.11 8.10 -8.21
N HIS A 146 -11.21 7.45 -7.76
CA HIS A 146 -12.45 7.55 -8.51
C HIS A 146 -12.91 9.00 -8.62
N HIS A 147 -12.81 9.74 -7.51
CA HIS A 147 -13.29 11.12 -7.52
C HIS A 147 -12.48 11.96 -8.52
N VAL A 148 -11.15 11.80 -8.52
CA VAL A 148 -10.33 12.59 -9.42
C VAL A 148 -10.51 12.17 -10.87
N ILE A 149 -10.66 10.86 -11.11
CA ILE A 149 -10.92 10.40 -12.47
C ILE A 149 -12.24 10.96 -13.01
N THR A 150 -13.29 10.92 -12.20
CA THR A 150 -14.55 11.52 -12.61
C THR A 150 -14.36 13.00 -12.93
N GLU A 151 -13.61 13.72 -12.09
CA GLU A 151 -13.39 15.13 -12.35
C GLU A 151 -12.61 15.34 -13.64
N GLY A 152 -11.57 14.52 -13.87
CA GLY A 152 -10.76 14.67 -15.07
C GLY A 152 -11.50 14.33 -16.35
N ILE A 153 -12.42 13.34 -16.29
CA ILE A 153 -13.29 13.10 -17.44
C ILE A 153 -14.15 14.31 -17.73
N ALA A 154 -14.72 14.91 -16.68
CA ALA A 154 -15.60 16.06 -16.84
C ALA A 154 -14.85 17.29 -17.33
N ASP A 155 -13.61 17.50 -16.87
CA ASP A 155 -12.85 18.68 -17.26
C ASP A 155 -12.11 18.48 -18.58
N GLY A 156 -12.17 17.29 -19.16
CA GLY A 156 -11.56 17.03 -20.43
C GLY A 156 -10.09 16.71 -20.40
N SER A 157 -9.46 16.72 -19.23
CA SER A 157 -8.05 16.35 -19.18
C SER A 157 -7.83 14.85 -19.29
N LEU A 158 -8.86 14.05 -19.02
CA LEU A 158 -8.85 12.61 -19.24
C LEU A 158 -9.80 12.29 -20.39
N ARG A 159 -9.57 11.14 -21.02
CA ARG A 159 -10.41 10.70 -22.13
C ARG A 159 -11.83 10.40 -21.63
N ASN A 160 -12.80 10.51 -22.55
CA ASN A 160 -14.19 10.22 -22.23
C ASN A 160 -14.40 8.71 -22.22
N VAL A 161 -13.99 8.11 -21.12
CA VAL A 161 -14.11 6.67 -20.90
C VAL A 161 -15.03 6.43 -19.72
N ASP A 162 -15.32 5.16 -19.44
CA ASP A 162 -16.17 4.84 -18.30
C ASP A 162 -15.37 5.07 -17.01
N ASP A 163 -15.90 5.89 -16.11
CA ASP A 163 -15.13 6.29 -14.93
C ASP A 163 -14.92 5.12 -13.97
N ALA A 164 -15.92 4.25 -13.80
CA ALA A 164 -15.77 3.11 -12.90
C ALA A 164 -14.73 2.12 -13.43
N LEU A 165 -14.82 1.79 -14.73
CA LEU A 165 -13.83 0.89 -15.30
C LEU A 165 -12.45 1.51 -15.25
N ALA A 166 -12.34 2.81 -15.57
CA ALA A 166 -11.03 3.44 -15.56
C ALA A 166 -10.43 3.45 -14.15
N THR A 167 -11.26 3.64 -13.14
CA THR A 167 -10.75 3.64 -11.76
C THR A 167 -10.27 2.26 -11.35
N ARG A 168 -11.09 1.23 -11.61
CA ARG A 168 -10.71 -0.13 -11.25
C ARG A 168 -9.47 -0.57 -12.00
N THR A 169 -9.39 -0.21 -13.29
N THR A 169 -9.35 -0.23 -13.29
CA THR A 169 -8.21 -0.56 -14.09
CA THR A 169 -8.15 -0.64 -14.00
C THR A 169 -6.97 0.15 -13.55
C THR A 169 -6.93 0.14 -13.53
N LEU A 170 -7.06 1.46 -13.33
CA LEU A 170 -5.90 2.21 -12.88
C LEU A 170 -5.39 1.71 -11.53
N LEU A 171 -6.30 1.51 -10.58
CA LEU A 171 -5.88 1.03 -9.26
C LEU A 171 -5.21 -0.34 -9.35
N SER A 172 -5.80 -1.25 -10.14
N SER A 172 -5.81 -1.24 -10.14
CA SER A 172 -5.20 -2.57 -10.29
CA SER A 172 -5.21 -2.57 -10.31
C SER A 172 -3.82 -2.45 -10.92
C SER A 172 -3.83 -2.45 -10.91
N ASN A 173 -3.65 -1.50 -11.83
CA ASN A 173 -2.38 -1.34 -12.51
C ASN A 173 -1.32 -0.73 -11.60
N LEU A 174 -1.70 0.25 -10.79
CA LEU A 174 -0.75 0.83 -9.84
C LEU A 174 -0.25 -0.23 -8.88
N ASN A 175 -1.15 -1.08 -8.39
CA ASN A 175 -0.76 -2.10 -7.44
C ASN A 175 -0.02 -3.25 -8.12
N ALA A 176 -0.23 -3.48 -9.42
CA ALA A 176 0.40 -4.59 -10.13
C ALA A 176 1.89 -4.37 -10.35
N VAL A 177 2.39 -3.19 -10.03
CA VAL A 177 3.84 -3.00 -10.02
C VAL A 177 4.51 -4.05 -9.14
N ASP A 178 3.80 -4.53 -8.10
CA ASP A 178 4.37 -5.51 -7.19
C ASP A 178 4.65 -6.86 -7.84
N VAL A 179 4.17 -7.11 -9.05
CA VAL A 179 4.45 -8.37 -9.74
C VAL A 179 5.93 -8.49 -10.06
N TRP A 180 6.55 -7.36 -10.42
CA TRP A 180 7.92 -7.39 -10.89
C TRP A 180 8.89 -6.57 -10.06
N TYR A 181 8.42 -5.57 -9.32
CA TYR A 181 9.35 -4.69 -8.63
C TYR A 181 9.94 -5.36 -7.41
N ARG A 182 11.24 -5.19 -7.23
CA ARG A 182 11.92 -5.59 -6.01
C ARG A 182 12.83 -4.46 -5.58
N LYS A 183 12.95 -4.27 -4.28
CA LYS A 183 13.85 -3.23 -3.77
C LYS A 183 15.29 -3.58 -4.11
N ILE A 184 16.05 -2.57 -4.55
CA ILE A 184 17.48 -2.71 -4.78
C ILE A 184 18.20 -1.87 -3.74
N GLU A 185 19.09 -2.50 -2.98
CA GLU A 185 19.82 -1.78 -1.95
C GLU A 185 20.65 -0.68 -2.59
N GLY A 186 20.58 0.52 -2.02
CA GLY A 186 21.36 1.61 -2.55
C GLY A 186 20.75 2.33 -3.72
N GLN A 187 19.57 1.93 -4.18
CA GLN A 187 18.86 2.73 -5.16
C GLN A 187 18.40 4.01 -4.47
N THR A 188 18.63 5.15 -5.12
CA THR A 188 18.39 6.41 -4.42
C THR A 188 16.91 6.78 -4.44
N GLU A 189 16.57 7.78 -3.63
CA GLU A 189 15.20 8.28 -3.59
C GLU A 189 14.76 8.79 -4.97
N LYS A 190 15.62 9.57 -5.64
CA LYS A 190 15.25 10.06 -6.97
C LYS A 190 15.13 8.91 -7.96
N GLU A 191 16.01 7.91 -7.86
CA GLU A 191 15.92 6.77 -8.78
C GLU A 191 14.59 6.05 -8.61
N VAL A 192 14.13 5.87 -7.37
CA VAL A 192 12.83 5.24 -7.15
C VAL A 192 11.71 6.14 -7.64
N HIS A 193 11.78 7.44 -7.35
CA HIS A 193 10.77 8.37 -7.84
C HIS A 193 10.71 8.35 -9.37
N ASP A 194 11.87 8.30 -10.02
CA ASP A 194 11.92 8.31 -11.48
C ASP A 194 11.32 7.03 -12.06
N LEU A 195 11.60 5.87 -11.44
CA LEU A 195 10.97 4.64 -11.91
C LEU A 195 9.45 4.72 -11.76
N ALA A 196 8.97 5.21 -10.60
CA ALA A 196 7.53 5.37 -10.42
C ALA A 196 6.94 6.29 -11.47
N SER A 197 7.64 7.38 -11.79
N SER A 197 7.66 7.38 -11.79
CA SER A 197 7.16 8.31 -12.80
CA SER A 197 7.18 8.33 -12.79
C SER A 197 7.07 7.64 -14.17
C SER A 197 7.08 7.66 -14.17
N GLN A 198 8.06 6.83 -14.52
CA GLN A 198 8.01 6.13 -15.79
C GLN A 198 6.83 5.17 -15.86
N VAL A 199 6.56 4.46 -14.77
CA VAL A 199 5.40 3.57 -14.75
C VAL A 199 4.12 4.36 -14.97
N VAL A 200 3.96 5.45 -14.23
CA VAL A 200 2.72 6.22 -14.32
C VAL A 200 2.58 6.85 -15.71
N ASP A 201 3.68 7.27 -16.32
CA ASP A 201 3.65 7.78 -17.69
C ASP A 201 3.01 6.75 -18.63
N LEU A 202 3.36 5.47 -18.48
CA LEU A 202 2.73 4.43 -19.30
C LEU A 202 1.25 4.27 -19.00
N LEU A 203 0.87 4.34 -17.72
CA LEU A 203 -0.54 4.10 -17.36
C LEU A 203 -1.42 5.25 -17.80
N ILE A 204 -0.96 6.49 -17.64
CA ILE A 204 -1.79 7.64 -17.97
C ILE A 204 -1.67 8.00 -19.45
N GLY A 205 -0.46 8.02 -19.99
CA GLY A 205 -0.28 8.37 -21.38
C GLY A 205 -0.49 7.24 -22.35
N GLY A 206 -0.47 6.00 -21.89
CA GLY A 206 -0.63 4.87 -22.78
C GLY A 206 0.69 4.43 -23.39
N ILE A 207 0.65 3.26 -24.02
CA ILE A 207 1.80 2.78 -24.78
C ILE A 207 1.68 3.14 -26.26
N GLY A 208 0.46 3.33 -26.76
CA GLY A 208 0.28 3.66 -28.15
C GLY A 208 0.71 5.07 -28.46
N ALA A 209 1.24 5.26 -29.67
CA ALA A 209 1.76 6.56 -30.08
C ALA A 209 0.61 7.50 -30.45
N THR A 210 0.89 8.80 -30.36
CA THR A 210 -0.01 9.87 -30.79
C THR A 210 -1.49 9.66 -30.44
P CMP B . 14.61 -9.29 -13.52
O1P CMP B . 15.15 -10.21 -14.57
O2P CMP B . 14.99 -9.51 -12.07
O5' CMP B . 13.00 -9.40 -13.57
C5' CMP B . 12.14 -8.32 -13.20
C4' CMP B . 12.73 -7.03 -13.70
O4' CMP B . 12.07 -5.86 -13.17
C3' CMP B . 14.16 -6.83 -13.28
O3' CMP B . 15.02 -7.75 -13.90
C2' CMP B . 14.37 -5.35 -13.62
O2' CMP B . 14.52 -5.16 -15.01
C1' CMP B . 13.00 -4.79 -13.18
N9 CMP B . 13.09 -4.22 -11.82
C8 CMP B . 12.67 -4.81 -10.68
N7 CMP B . 12.93 -4.03 -9.60
C5 CMP B . 13.55 -2.92 -10.06
C6 CMP B . 14.10 -1.70 -9.46
N6 CMP B . 14.05 -1.51 -8.13
N1 CMP B . 14.66 -0.79 -10.29
C2 CMP B . 14.72 -0.97 -11.63
N3 CMP B . 14.24 -2.06 -12.25
C4 CMP B . 13.65 -3.06 -11.53
#